data_4Q7Z
#
_entry.id   4Q7Z
#
_cell.length_a   54.986
_cell.length_b   64.466
_cell.length_c   68.383
_cell.angle_alpha   90.00
_cell.angle_beta   90.00
_cell.angle_gamma   90.00
#
_symmetry.space_group_name_H-M   'P 21 21 21'
#
loop_
_entity.id
_entity.type
_entity.pdbx_description
1 polymer 'Serine protease 57'
2 branched alpha-L-fucopyranose-(1-6)-2-acetamido-2-deoxy-beta-D-glucopyranose
3 non-polymer 2-acetamido-2-deoxy-beta-D-glucopyranose
4 non-polymer L-phenylalanyl-N-[(2S,3S)-6-carbamimidamido-1-chloro-2-hydroxyhexan-3-yl]-L-phenylalaninamide
5 non-polymer GLYCEROL
6 non-polymer 'CHLORIDE ION'
7 water water
#
_entity_poly.entity_id   1
_entity_poly.type   'polypeptide(L)'
_entity_poly.pdbx_seq_one_letter_code
;IIGGHEVTPHSRPYMASVRFGGQHHCGGFLLRARWVVSAAHCFSHRDLRTGLVVLGAHVLSTAEPTQQVFGIDALTTHPD
YHPMTHANDICLLRLNGSAVLGPAVGLLRLPGRRARPPTAGTRCRVAGWGFVSDFEELPPGLMEAKVRVLDPDVCNSSWK
GHLTLTMLCTRSGDSHRRGFCSADSGGPLVCRNRAHGLVSFSGLWCGDPKTPDVYTQVSAFVAWIWDVVRRSSPQPGPLP
GTTRPPGEAA
;
_entity_poly.pdbx_strand_id   A
#
loop_
_chem_comp.id
_chem_comp.type
_chem_comp.name
_chem_comp.formula
2YT peptide-like L-phenylalanyl-N-[(2S,3S)-6-carbamimidamido-1-chloro-2-hydroxyhexan-3-yl]-L-phenylalaninamide 'C25 H35 Cl N6 O3'
CL non-polymer 'CHLORIDE ION' 'Cl -1'
FUC L-saccharide, alpha linking alpha-L-fucopyranose 'C6 H12 O5'
GOL non-polymer GLYCEROL 'C3 H8 O3'
NAG D-saccharide, beta linking 2-acetamido-2-deoxy-beta-D-glucopyranose 'C8 H15 N O6'
#
# COMPACT_ATOMS: atom_id res chain seq x y z
N ILE A 1 10.70 2.62 1.44
CA ILE A 1 10.49 3.91 0.73
C ILE A 1 11.84 4.49 0.36
N ILE A 2 11.95 4.98 -0.87
CA ILE A 2 13.17 5.60 -1.41
C ILE A 2 12.97 7.12 -1.45
N GLY A 3 13.98 7.85 -1.00
CA GLY A 3 13.94 9.32 -1.07
C GLY A 3 12.80 9.93 -0.26
N GLY A 4 12.51 9.30 0.88
CA GLY A 4 11.50 9.78 1.77
C GLY A 4 12.09 10.24 3.09
N HIS A 5 11.21 10.52 4.04
CA HIS A 5 11.60 10.98 5.35
C HIS A 5 10.74 10.35 6.38
N GLU A 6 11.29 10.15 7.56
CA GLU A 6 10.57 9.56 8.66
C GLU A 6 9.41 10.47 9.07
N VAL A 7 8.21 9.92 9.14
CA VAL A 7 7.07 10.72 9.56
C VAL A 7 7.12 10.95 11.07
N THR A 8 6.38 11.95 11.53
CA THR A 8 6.14 12.09 12.96
C THR A 8 5.39 10.85 13.43
N PRO A 9 5.85 10.21 14.52
CA PRO A 9 5.19 8.98 14.92
C PRO A 9 3.67 9.12 15.06
N HIS A 10 2.94 8.19 14.45
CA HIS A 10 1.47 8.08 14.58
C HIS A 10 0.72 9.16 13.84
N SER A 11 1.41 9.87 12.94
CA SER A 11 0.82 10.91 12.10
C SER A 11 0.15 10.39 10.82
N ARG A 12 0.30 9.10 10.56
CA ARG A 12 -0.40 8.39 9.46
C ARG A 12 -1.14 7.20 10.03
N PRO A 13 -2.20 7.45 10.81
CA PRO A 13 -2.72 6.43 11.70
C PRO A 13 -3.49 5.31 11.00
N TYR A 14 -3.70 5.45 9.69
CA TYR A 14 -4.30 4.39 8.86
C TYR A 14 -3.29 3.33 8.41
N MET A 15 -2.00 3.55 8.60
CA MET A 15 -1.00 2.63 8.04
C MET A 15 -0.95 1.33 8.86
N ALA A 16 -0.89 0.21 8.14
CA ALA A 16 -0.82 -1.11 8.71
C ALA A 16 0.45 -1.83 8.24
N SER A 17 1.06 -2.59 9.14
CA SER A 17 2.12 -3.52 8.79
C SER A 17 1.60 -4.94 8.81
N VAL A 18 1.81 -5.66 7.72
CA VAL A 18 1.49 -7.09 7.64
C VAL A 18 2.79 -7.84 7.89
N ARG A 19 2.80 -8.66 8.93
CA ARG A 19 3.99 -9.38 9.30
C ARG A 19 3.76 -10.88 9.21
N PHE A 20 4.77 -11.59 8.75
CA PHE A 20 4.76 -13.05 8.72
C PHE A 20 5.94 -13.56 9.52
N GLY A 21 5.69 -14.51 10.42
CA GLY A 21 6.72 -15.04 11.30
C GLY A 21 7.40 -13.96 12.12
N GLY A 22 6.63 -12.94 12.52
CA GLY A 22 7.16 -11.82 13.29
C GLY A 22 7.91 -10.75 12.52
N GLN A 23 8.00 -10.89 11.20
CA GLN A 23 8.80 -10.00 10.37
C GLN A 23 7.91 -9.19 9.41
N HIS A 24 8.13 -7.88 9.37
CA HIS A 24 7.40 -7.01 8.44
C HIS A 24 7.61 -7.48 7.02
N HIS A 25 6.52 -7.60 6.28
CA HIS A 25 6.53 -8.09 4.90
C HIS A 25 5.84 -7.16 3.93
N CYS A 26 4.74 -6.53 4.34
CA CYS A 26 4.01 -5.63 3.45
C CYS A 26 3.30 -4.55 4.25
N GLY A 27 2.91 -3.49 3.54
CA GLY A 27 2.01 -2.50 4.10
C GLY A 27 0.55 -2.76 3.79
N GLY A 28 -0.29 -1.83 4.21
CA GLY A 28 -1.74 -1.90 4.03
C GLY A 28 -2.32 -0.68 4.69
N PHE A 29 -3.63 -0.50 4.55
CA PHE A 29 -4.30 0.54 5.32
C PHE A 29 -5.63 0.12 5.89
N LEU A 30 -6.00 0.78 6.99
CA LEU A 30 -7.23 0.52 7.71
C LEU A 30 -8.37 1.22 6.98
N LEU A 31 -9.29 0.42 6.44
CA LEU A 31 -10.46 0.90 5.73
C LEU A 31 -11.66 1.07 6.68
N ARG A 32 -11.87 0.05 7.50
CA ARG A 32 -12.90 0.05 8.54
CA ARG A 32 -12.90 0.05 8.55
C ARG A 32 -12.26 -0.59 9.77
N ALA A 33 -12.93 -0.57 10.92
CA ALA A 33 -12.27 -1.08 12.14
C ALA A 33 -11.79 -2.52 12.04
N ARG A 34 -12.48 -3.33 11.25
CA ARG A 34 -12.14 -4.75 11.08
C ARG A 34 -11.57 -5.08 9.69
N TRP A 35 -11.24 -4.07 8.88
CA TRP A 35 -10.87 -4.31 7.48
C TRP A 35 -9.64 -3.55 7.07
N VAL A 36 -8.67 -4.28 6.50
CA VAL A 36 -7.46 -3.72 5.95
C VAL A 36 -7.34 -4.06 4.46
N VAL A 37 -6.99 -3.06 3.66
CA VAL A 37 -6.68 -3.24 2.23
C VAL A 37 -5.17 -3.45 2.10
N SER A 38 -4.75 -4.42 1.29
CA SER A 38 -3.34 -4.66 1.01
C SER A 38 -3.20 -5.18 -0.43
N ALA A 39 -1.99 -5.63 -0.79
CA ALA A 39 -1.69 -6.14 -2.13
C ALA A 39 -1.75 -7.64 -2.15
N ALA A 40 -2.43 -8.20 -3.15
CA ALA A 40 -2.58 -9.65 -3.28
C ALA A 40 -1.24 -10.40 -3.32
N HIS A 41 -0.24 -9.82 -3.98
CA HIS A 41 1.03 -10.52 -4.12
C HIS A 41 1.72 -10.77 -2.79
N CYS A 42 1.35 -10.00 -1.76
CA CYS A 42 1.94 -10.18 -0.43
C CYS A 42 1.62 -11.50 0.26
N PHE A 43 0.56 -12.17 -0.20
CA PHE A 43 0.01 -13.35 0.47
C PHE A 43 0.22 -14.64 -0.29
N SER A 44 0.80 -14.53 -1.48
CA SER A 44 1.06 -15.69 -2.32
C SER A 44 1.93 -16.70 -1.59
N HIS A 45 1.43 -17.96 -1.53
CA HIS A 45 2.15 -19.07 -0.87
C HIS A 45 2.42 -18.86 0.59
N ARG A 46 1.61 -18.01 1.24
CA ARG A 46 1.77 -17.73 2.66
C ARG A 46 0.75 -18.45 3.49
N ASP A 47 1.22 -19.07 4.57
CA ASP A 47 0.34 -19.60 5.60
C ASP A 47 -0.25 -18.41 6.38
N LEU A 48 -1.54 -18.13 6.15
CA LEU A 48 -2.22 -17.01 6.82
C LEU A 48 -2.11 -17.02 8.34
N ARG A 49 -2.04 -18.22 8.92
CA ARG A 49 -1.96 -18.37 10.38
C ARG A 49 -0.64 -17.83 10.95
N THR A 50 0.37 -17.64 10.09
CA THR A 50 1.63 -17.04 10.50
C THR A 50 1.61 -15.50 10.36
N GLY A 51 0.48 -14.97 9.88
CA GLY A 51 0.32 -13.54 9.62
C GLY A 51 -0.28 -12.77 10.77
N LEU A 52 0.20 -11.56 10.95
CA LEU A 52 -0.39 -10.61 11.89
C LEU A 52 -0.48 -9.26 11.20
N VAL A 53 -1.48 -8.48 11.58
CA VAL A 53 -1.61 -7.11 11.12
C VAL A 53 -1.37 -6.19 12.33
N VAL A 54 -0.41 -5.28 12.21
CA VAL A 54 -0.07 -4.34 13.29
C VAL A 54 -0.52 -2.93 12.93
N LEU A 55 -1.41 -2.38 13.76
CA LEU A 55 -1.91 -1.02 13.64
C LEU A 55 -1.28 -0.16 14.74
N GLY A 56 -1.30 1.14 14.56
CA GLY A 56 -0.78 2.06 15.57
C GLY A 56 0.72 2.08 15.74
N ALA A 57 1.46 1.62 14.74
CA ALA A 57 2.92 1.50 14.85
C ALA A 57 3.70 2.66 14.25
N HIS A 58 4.89 2.88 14.82
CA HIS A 58 5.92 3.69 14.18
C HIS A 58 7.19 2.88 14.02
N VAL A 59 7.77 2.45 15.15
CA VAL A 59 8.93 1.55 15.18
C VAL A 59 8.40 0.13 15.41
N LEU A 60 8.49 -0.69 14.38
CA LEU A 60 7.86 -2.01 14.41
C LEU A 60 8.56 -3.01 15.32
N SER A 61 9.83 -2.76 15.60
CA SER A 61 10.61 -3.68 16.44
C SER A 61 10.41 -3.42 17.94
N THR A 62 9.66 -2.37 18.27
CA THR A 62 9.36 -2.02 19.66
C THR A 62 7.90 -2.28 19.95
N ALA A 63 7.61 -2.80 21.13
CA ALA A 63 6.24 -3.02 21.57
C ALA A 63 5.67 -1.69 22.05
N GLU A 64 5.29 -0.84 21.11
CA GLU A 64 4.85 0.53 21.41
C GLU A 64 3.45 0.53 22.02
N PRO A 65 3.18 1.44 22.96
CA PRO A 65 1.88 1.43 23.65
C PRO A 65 0.65 1.61 22.75
N THR A 66 0.82 2.27 21.61
CA THR A 66 -0.29 2.49 20.67
C THR A 66 -0.53 1.33 19.70
N GLN A 67 0.31 0.31 19.71
CA GLN A 67 0.16 -0.78 18.78
C GLN A 67 -1.04 -1.65 19.14
N GLN A 68 -1.80 -2.02 18.13
CA GLN A 68 -2.90 -2.98 18.22
C GLN A 68 -2.62 -4.05 17.16
N VAL A 69 -2.52 -5.30 17.60
CA VAL A 69 -2.15 -6.42 16.75
C VAL A 69 -3.32 -7.37 16.61
N PHE A 70 -3.56 -7.82 15.37
CA PHE A 70 -4.69 -8.66 15.02
C PHE A 70 -4.26 -9.81 14.13
N GLY A 71 -4.97 -10.93 14.27
CA GLY A 71 -4.89 -11.99 13.29
C GLY A 71 -5.78 -11.73 12.10
N ILE A 72 -5.61 -12.53 11.06
CA ILE A 72 -6.42 -12.41 9.85
C ILE A 72 -7.49 -13.50 9.84
N ASP A 73 -8.73 -13.11 10.07
CA ASP A 73 -9.88 -14.02 10.00
C ASP A 73 -10.10 -14.54 8.56
N ALA A 74 -9.98 -13.65 7.58
CA ALA A 74 -10.23 -14.01 6.19
C ALA A 74 -9.49 -13.10 5.23
N LEU A 75 -8.79 -13.72 4.29
CA LEU A 75 -8.17 -13.05 3.15
C LEU A 75 -9.07 -13.20 1.93
N THR A 76 -9.37 -12.11 1.25
CA THR A 76 -10.09 -12.15 -0.02
C THR A 76 -9.22 -11.49 -1.06
N THR A 77 -8.65 -12.28 -1.95
CA THR A 77 -7.85 -11.81 -3.06
C THR A 77 -8.79 -11.46 -4.20
N HIS A 78 -8.46 -10.41 -4.96
CA HIS A 78 -9.29 -10.04 -6.08
C HIS A 78 -9.48 -11.26 -6.97
N PRO A 79 -10.74 -11.48 -7.42
CA PRO A 79 -11.00 -12.70 -8.21
C PRO A 79 -10.21 -12.78 -9.51
N ASP A 80 -9.76 -11.64 -10.05
CA ASP A 80 -9.00 -11.61 -11.30
C ASP A 80 -7.49 -11.54 -11.11
N TYR A 81 -7.02 -11.60 -9.86
CA TYR A 81 -5.59 -11.69 -9.62
C TYR A 81 -5.14 -13.09 -10.03
N HIS A 82 -4.03 -13.14 -10.77
CA HIS A 82 -3.57 -14.40 -11.37
C HIS A 82 -2.08 -14.36 -11.61
N PRO A 83 -1.40 -15.52 -11.60
CA PRO A 83 -0.03 -15.56 -12.14
C PRO A 83 -0.01 -15.18 -13.63
N MET A 84 1.18 -15.12 -14.21
CA MET A 84 1.35 -14.70 -15.62
C MET A 84 0.71 -13.33 -15.96
N THR A 85 0.23 -12.61 -14.96
CA THR A 85 -0.24 -11.24 -15.12
C THR A 85 -0.04 -10.45 -13.82
N HIS A 86 0.09 -9.14 -13.97
CA HIS A 86 0.47 -8.26 -12.86
CA HIS A 86 0.47 -8.28 -12.84
C HIS A 86 -0.68 -7.45 -12.35
N ALA A 87 -1.80 -7.42 -13.07
CA ALA A 87 -2.97 -6.61 -12.71
C ALA A 87 -3.75 -7.16 -11.51
N ASN A 88 -4.62 -6.32 -10.99
CA ASN A 88 -5.54 -6.70 -9.93
C ASN A 88 -4.84 -7.10 -8.64
N ASP A 89 -3.72 -6.41 -8.35
CA ASP A 89 -2.87 -6.74 -7.21
C ASP A 89 -3.42 -6.15 -5.90
N ILE A 90 -4.57 -6.63 -5.47
CA ILE A 90 -5.30 -6.03 -4.35
C ILE A 90 -6.06 -7.13 -3.61
N CYS A 91 -6.17 -6.99 -2.30
CA CYS A 91 -6.88 -7.92 -1.47
C CYS A 91 -7.42 -7.21 -0.24
N LEU A 92 -8.34 -7.88 0.45
CA LEU A 92 -8.92 -7.41 1.70
C LEU A 92 -8.57 -8.41 2.78
N LEU A 93 -8.27 -7.89 3.96
CA LEU A 93 -8.05 -8.66 5.16
C LEU A 93 -9.15 -8.33 6.15
N ARG A 94 -9.94 -9.34 6.52
CA ARG A 94 -10.92 -9.20 7.61
CA ARG A 94 -10.90 -9.20 7.60
C ARG A 94 -10.18 -9.61 8.88
N LEU A 95 -10.05 -8.69 9.81
CA LEU A 95 -9.30 -8.95 11.03
C LEU A 95 -10.12 -9.77 12.00
N ASN A 96 -9.45 -10.47 12.92
CA ASN A 96 -10.16 -11.28 13.95
C ASN A 96 -10.60 -10.47 15.18
N GLY A 97 -10.70 -9.16 15.00
CA GLY A 97 -11.16 -8.27 16.03
C GLY A 97 -11.29 -6.91 15.38
N SER A 98 -11.82 -5.94 16.12
CA SER A 98 -12.03 -4.59 15.63
C SER A 98 -11.05 -3.63 16.30
N ALA A 99 -10.34 -2.85 15.51
CA ALA A 99 -9.48 -1.82 16.04
C ALA A 99 -10.28 -0.82 16.88
N VAL A 100 -9.68 -0.35 17.97
CA VAL A 100 -10.24 0.76 18.73
C VAL A 100 -9.62 2.02 18.14
N LEU A 101 -10.44 2.84 17.49
CA LEU A 101 -9.96 4.01 16.81
C LEU A 101 -9.58 5.11 17.80
N GLY A 102 -8.50 5.81 17.49
CA GLY A 102 -7.96 6.83 18.38
C GLY A 102 -6.87 7.63 17.69
N PRO A 103 -6.07 8.38 18.46
CA PRO A 103 -5.06 9.26 17.87
C PRO A 103 -4.06 8.54 16.95
N ALA A 104 -3.76 7.29 17.25
CA ALA A 104 -2.77 6.53 16.51
C ALA A 104 -3.36 5.51 15.53
N VAL A 105 -4.68 5.33 15.52
CA VAL A 105 -5.33 4.30 14.71
C VAL A 105 -6.59 4.90 14.13
N GLY A 106 -6.63 5.03 12.81
CA GLY A 106 -7.74 5.66 12.14
C GLY A 106 -7.88 5.14 10.74
N LEU A 107 -8.95 5.57 10.10
CA LEU A 107 -9.34 5.12 8.77
C LEU A 107 -8.83 6.04 7.66
N LEU A 108 -8.62 5.46 6.47
CA LEU A 108 -8.32 6.20 5.25
C LEU A 108 -9.47 5.98 4.29
N ARG A 109 -9.95 7.06 3.69
CA ARG A 109 -11.06 7.00 2.75
C ARG A 109 -10.60 6.56 1.35
N LEU A 110 -11.44 5.75 0.71
CA LEU A 110 -11.31 5.43 -0.71
C LEU A 110 -11.76 6.59 -1.59
N PRO A 111 -11.32 6.58 -2.86
CA PRO A 111 -11.97 7.47 -3.81
C PRO A 111 -13.46 7.13 -3.94
N GLY A 112 -14.25 8.12 -4.34
CA GLY A 112 -15.68 7.90 -4.54
C GLY A 112 -15.98 6.86 -5.61
N ARG A 113 -17.18 6.30 -5.55
CA ARG A 113 -17.60 5.32 -6.57
C ARG A 113 -17.65 5.91 -7.99
N ARG A 114 -17.76 7.23 -8.11
CA ARG A 114 -17.76 7.90 -9.41
C ARG A 114 -16.46 8.66 -9.74
N ALA A 115 -15.49 8.61 -8.84
CA ALA A 115 -14.23 9.37 -9.01
C ALA A 115 -13.32 8.83 -10.13
N ARG A 116 -12.59 9.75 -10.77
CA ARG A 116 -11.57 9.42 -11.78
C ARG A 116 -10.22 9.27 -11.08
N PRO A 117 -9.24 8.66 -11.76
CA PRO A 117 -7.86 8.69 -11.23
C PRO A 117 -7.29 10.10 -11.27
N PRO A 118 -6.32 10.41 -10.40
CA PRO A 118 -5.79 11.77 -10.34
C PRO A 118 -5.02 12.18 -11.61
N THR A 119 -5.08 13.46 -11.96
CA THR A 119 -4.43 13.94 -13.17
C THR A 119 -2.90 13.92 -13.02
N ALA A 120 -2.18 13.83 -14.14
CA ALA A 120 -0.73 13.90 -14.12
C ALA A 120 -0.27 15.17 -13.42
N GLY A 121 0.74 15.02 -12.57
CA GLY A 121 1.30 16.13 -11.80
C GLY A 121 0.72 16.28 -10.39
N THR A 122 -0.40 15.60 -10.13
CA THR A 122 -1.03 15.66 -8.81
C THR A 122 -0.04 15.21 -7.74
N ARG A 123 0.09 16.02 -6.70
CA ARG A 123 0.98 15.74 -5.58
C ARG A 123 0.35 14.71 -4.64
N CYS A 124 1.09 13.64 -4.38
CA CYS A 124 0.63 12.57 -3.51
C CYS A 124 1.76 12.17 -2.57
N ARG A 125 1.44 11.27 -1.65
CA ARG A 125 2.44 10.74 -0.72
C ARG A 125 2.28 9.23 -0.59
N VAL A 126 3.40 8.55 -0.41
CA VAL A 126 3.40 7.10 -0.18
C VAL A 126 4.25 6.79 1.02
N ALA A 127 3.71 5.99 1.94
CA ALA A 127 4.38 5.66 3.19
C ALA A 127 4.58 4.16 3.33
N GLY A 128 5.58 3.78 4.10
CA GLY A 128 5.81 2.37 4.37
C GLY A 128 7.08 2.10 5.17
N TRP A 129 7.23 0.83 5.53
CA TRP A 129 8.38 0.32 6.27
C TRP A 129 9.29 -0.53 5.39
N GLY A 130 9.17 -0.38 4.07
CA GLY A 130 10.02 -1.13 3.14
C GLY A 130 11.43 -0.58 3.10
N PHE A 131 12.27 -1.19 2.28
CA PHE A 131 13.67 -0.82 2.25
C PHE A 131 13.86 0.61 1.78
N VAL A 132 14.95 1.23 2.25
CA VAL A 132 15.23 2.62 1.93
C VAL A 132 16.37 2.76 0.92
N SER A 133 16.84 1.63 0.37
CA SER A 133 17.90 1.62 -0.62
C SER A 133 17.77 0.32 -1.42
N ASP A 134 18.63 0.16 -2.42
CA ASP A 134 18.73 -1.11 -3.11
C ASP A 134 19.69 -2.08 -2.42
N PHE A 135 20.04 -1.83 -1.16
CA PHE A 135 20.88 -2.73 -0.38
C PHE A 135 20.16 -3.26 0.84
N GLU A 136 18.84 -3.35 0.71
CA GLU A 136 17.98 -3.94 1.71
C GLU A 136 18.14 -3.31 3.09
N GLU A 137 18.34 -1.98 3.11
CA GLU A 137 18.45 -1.25 4.36
CA GLU A 137 18.45 -1.21 4.36
C GLU A 137 17.06 -0.96 4.92
N LEU A 138 16.88 -1.23 6.21
CA LEU A 138 15.61 -1.00 6.89
C LEU A 138 15.52 0.44 7.39
N PRO A 139 14.30 0.97 7.42
CA PRO A 139 14.09 2.32 7.96
C PRO A 139 14.08 2.27 9.49
N PRO A 140 14.30 3.44 10.13
CA PRO A 140 14.20 3.49 11.59
C PRO A 140 12.76 3.50 12.12
N GLY A 141 11.81 3.78 11.24
CA GLY A 141 10.38 3.78 11.54
C GLY A 141 9.62 4.09 10.27
N LEU A 142 8.33 4.37 10.38
CA LEU A 142 7.53 4.65 9.18
C LEU A 142 8.07 5.84 8.39
N MET A 143 8.30 5.61 7.10
CA MET A 143 8.81 6.62 6.19
C MET A 143 7.75 7.03 5.18
N GLU A 144 7.90 8.23 4.62
CA GLU A 144 7.00 8.69 3.57
C GLU A 144 7.74 9.52 2.54
N ALA A 145 7.41 9.30 1.27
CA ALA A 145 7.99 10.05 0.16
C ALA A 145 6.91 10.87 -0.53
N LYS A 146 7.33 12.03 -1.04
CA LYS A 146 6.48 12.89 -1.85
C LYS A 146 6.74 12.56 -3.31
N VAL A 147 5.66 12.24 -4.04
CA VAL A 147 5.72 11.91 -5.46
C VAL A 147 4.58 12.58 -6.22
N ARG A 148 4.64 12.53 -7.54
CA ARG A 148 3.61 13.12 -8.38
C ARG A 148 3.12 12.10 -9.38
N VAL A 149 1.83 12.11 -9.69
CA VAL A 149 1.25 11.20 -10.66
C VAL A 149 1.92 11.44 -12.02
N LEU A 150 2.29 10.35 -12.71
CA LEU A 150 2.98 10.40 -13.99
C LEU A 150 1.96 10.13 -15.08
N ASP A 151 2.03 10.87 -16.18
CA ASP A 151 1.19 10.64 -17.37
C ASP A 151 1.14 9.12 -17.68
N PRO A 152 -0.06 8.52 -17.75
CA PRO A 152 -0.12 7.07 -17.96
C PRO A 152 0.47 6.60 -19.31
N ASP A 153 0.46 7.46 -20.32
CA ASP A 153 1.06 7.11 -21.61
C ASP A 153 2.58 7.12 -21.55
N VAL A 154 3.14 8.09 -20.87
CA VAL A 154 4.59 8.15 -20.62
C VAL A 154 5.00 6.94 -19.79
N CYS A 155 4.26 6.63 -18.73
CA CYS A 155 4.56 5.45 -17.93
C CYS A 155 4.50 4.17 -18.74
N ASN A 156 3.44 4.02 -19.52
CA ASN A 156 3.29 2.83 -20.33
C ASN A 156 4.44 2.65 -21.34
N SER A 157 4.89 3.74 -21.97
CA SER A 157 6.03 3.62 -22.88
C SER A 157 7.32 3.22 -22.13
N SER A 158 7.57 3.80 -20.96
CA SER A 158 8.73 3.40 -20.14
C SER A 158 8.68 1.93 -19.74
N TRP A 159 7.46 1.41 -19.55
CA TRP A 159 7.25 -0.01 -19.28
C TRP A 159 7.08 -0.84 -20.53
N LYS A 160 7.53 -0.29 -21.67
CA LYS A 160 7.57 -1.03 -22.94
C LYS A 160 6.20 -1.61 -23.32
N GLY A 161 5.14 -0.90 -22.95
CA GLY A 161 3.78 -1.24 -23.38
C GLY A 161 3.00 -2.22 -22.53
N HIS A 162 3.52 -2.56 -21.36
CA HIS A 162 2.95 -3.62 -20.52
C HIS A 162 1.95 -3.20 -19.47
N LEU A 163 1.60 -1.91 -19.42
CA LEU A 163 0.65 -1.41 -18.39
C LEU A 163 -0.79 -1.60 -18.82
N THR A 164 -1.66 -1.78 -17.85
CA THR A 164 -3.10 -1.89 -18.10
C THR A 164 -3.83 -0.62 -17.64
N LEU A 165 -5.12 -0.55 -17.92
CA LEU A 165 -5.92 0.62 -17.59
C LEU A 165 -6.13 0.83 -16.10
N THR A 166 -5.93 -0.21 -15.30
CA THR A 166 -6.18 -0.13 -13.84
C THR A 166 -4.86 0.00 -13.06
N MET A 167 -3.86 0.56 -13.71
CA MET A 167 -2.56 0.84 -13.12
C MET A 167 -2.32 2.33 -13.20
N LEU A 168 -1.71 2.88 -12.17
CA LEU A 168 -1.25 4.26 -12.25
C LEU A 168 0.15 4.41 -11.70
N CYS A 169 0.84 5.42 -12.21
CA CYS A 169 2.25 5.57 -11.98
C CYS A 169 2.61 6.88 -11.35
N THR A 170 3.79 6.91 -10.75
CA THR A 170 4.34 8.14 -10.21
C THR A 170 5.75 8.43 -10.67
N ARG A 171 6.15 9.68 -10.44
CA ARG A 171 7.55 10.09 -10.57
C ARG A 171 7.89 11.03 -9.41
N SER A 172 9.18 11.21 -9.19
CA SER A 172 9.67 12.23 -8.26
C SER A 172 9.36 13.63 -8.76
N GLY A 173 9.18 14.55 -7.82
CA GLY A 173 9.00 15.97 -8.15
C GLY A 173 10.29 16.66 -8.57
N ASP A 174 11.42 16.01 -8.32
CA ASP A 174 12.73 16.58 -8.64
C ASP A 174 13.70 15.53 -9.21
N SER A 175 15.01 15.80 -9.16
CA SER A 175 16.01 14.94 -9.78
C SER A 175 16.38 13.72 -8.93
N HIS A 176 15.92 13.67 -7.68
CA HIS A 176 16.20 12.54 -6.79
C HIS A 176 15.23 11.40 -7.01
N ARG A 177 15.69 10.17 -6.84
CA ARG A 177 14.80 9.01 -6.84
C ARG A 177 13.91 9.03 -5.61
N ARG A 178 12.61 8.96 -5.85
CA ARG A 178 11.62 9.00 -4.80
C ARG A 178 10.50 8.04 -5.16
N GLY A 179 10.13 7.17 -4.21
CA GLY A 179 9.13 6.17 -4.49
C GLY A 179 9.16 5.06 -3.47
N PHE A 180 8.68 3.87 -3.87
CA PHE A 180 8.60 2.75 -2.95
C PHE A 180 9.66 1.69 -3.23
N CYS A 181 9.73 0.70 -2.34
CA CYS A 181 10.68 -0.40 -2.53
C CYS A 181 10.08 -1.66 -1.90
N SER A 182 10.85 -2.74 -1.87
CA SER A 182 10.31 -4.01 -1.34
C SER A 182 9.77 -3.85 0.07
N ALA A 183 8.61 -4.46 0.31
CA ALA A 183 7.89 -4.45 1.57
C ALA A 183 7.12 -3.17 1.82
N ASP A 184 7.05 -2.31 0.82
CA ASP A 184 6.08 -1.20 0.81
C ASP A 184 4.76 -1.60 0.14
N SER A 185 4.72 -2.77 -0.50
CA SER A 185 3.52 -3.21 -1.19
C SER A 185 2.29 -3.21 -0.32
N GLY A 186 1.18 -2.84 -0.92
CA GLY A 186 -0.09 -2.75 -0.23
C GLY A 186 -0.35 -1.44 0.49
N GLY A 187 0.66 -0.59 0.63
CA GLY A 187 0.43 0.73 1.21
C GLY A 187 -0.23 1.64 0.21
N PRO A 188 -1.00 2.63 0.70
CA PRO A 188 -1.71 3.53 -0.18
C PRO A 188 -0.84 4.68 -0.71
N LEU A 189 -1.12 5.05 -1.95
CA LEU A 189 -0.77 6.35 -2.50
C LEU A 189 -1.92 7.27 -2.13
N VAL A 190 -1.61 8.27 -1.31
CA VAL A 190 -2.62 9.17 -0.75
C VAL A 190 -2.49 10.50 -1.52
N CYS A 191 -3.59 10.88 -2.18
CA CYS A 191 -3.69 12.16 -2.89
C CYS A 191 -4.99 12.80 -2.43
N ARG A 192 -4.89 14.05 -1.95
CA ARG A 192 -6.06 14.77 -1.43
C ARG A 192 -6.82 13.92 -0.40
N ASN A 193 -6.07 13.29 0.52
CA ASN A 193 -6.65 12.51 1.61
C ASN A 193 -7.54 11.35 1.17
N ARG A 194 -7.23 10.79 -0.01
CA ARG A 194 -7.89 9.60 -0.51
C ARG A 194 -6.85 8.59 -0.99
N ALA A 195 -7.17 7.31 -0.82
CA ALA A 195 -6.30 6.21 -1.28
C ALA A 195 -6.46 5.96 -2.79
N HIS A 196 -5.75 6.72 -3.60
CA HIS A 196 -5.90 6.61 -5.06
C HIS A 196 -5.08 5.49 -5.66
N GLY A 197 -4.02 5.07 -4.97
CA GLY A 197 -3.19 3.98 -5.45
C GLY A 197 -2.84 3.00 -4.35
N LEU A 198 -2.42 1.81 -4.76
CA LEU A 198 -1.87 0.83 -3.83
C LEU A 198 -0.55 0.35 -4.40
N VAL A 199 0.50 0.38 -3.59
CA VAL A 199 1.83 0.00 -4.05
C VAL A 199 1.78 -1.42 -4.63
N SER A 200 2.24 -1.58 -5.88
CA SER A 200 2.24 -2.92 -6.53
C SER A 200 3.61 -3.38 -7.00
N PHE A 201 4.19 -2.74 -8.00
CA PHE A 201 5.47 -3.21 -8.52
C PHE A 201 6.32 -2.11 -9.11
N SER A 202 7.62 -2.39 -9.27
CA SER A 202 8.49 -1.49 -10.00
C SER A 202 9.61 -2.29 -10.66
N GLY A 203 10.70 -1.63 -11.04
CA GLY A 203 11.77 -2.27 -11.81
C GLY A 203 12.95 -2.70 -10.97
N LEU A 204 14.06 -3.02 -11.64
CA LEU A 204 15.20 -3.61 -10.98
C LEU A 204 15.77 -2.75 -9.85
N TRP A 205 15.74 -1.43 -10.03
CA TRP A 205 16.26 -0.50 -9.04
C TRP A 205 15.14 0.33 -8.48
N CYS A 206 14.98 0.34 -7.16
CA CYS A 206 13.84 1.03 -6.55
C CYS A 206 13.85 2.54 -6.84
N GLY A 207 12.71 3.05 -7.31
CA GLY A 207 12.58 4.48 -7.60
C GLY A 207 13.21 4.94 -8.90
N ASP A 208 13.74 4.01 -9.69
CA ASP A 208 14.38 4.34 -10.96
C ASP A 208 13.34 4.97 -11.90
N PRO A 209 13.61 6.20 -12.39
CA PRO A 209 12.68 6.80 -13.33
C PRO A 209 12.54 6.05 -14.65
N LYS A 210 13.49 5.17 -14.98
CA LYS A 210 13.36 4.34 -16.18
C LYS A 210 12.25 3.30 -16.05
N THR A 211 11.95 2.93 -14.80
CA THR A 211 10.90 1.95 -14.51
C THR A 211 9.97 2.54 -13.44
N PRO A 212 9.06 3.45 -13.87
CA PRO A 212 8.24 4.19 -12.89
C PRO A 212 7.45 3.28 -11.97
N ASP A 213 7.35 3.70 -10.71
CA ASP A 213 6.53 3.00 -9.73
C ASP A 213 5.11 2.80 -10.22
N VAL A 214 4.62 1.57 -10.14
CA VAL A 214 3.29 1.24 -10.55
C VAL A 214 2.42 0.86 -9.35
N TYR A 215 1.25 1.50 -9.29
CA TYR A 215 0.25 1.28 -8.29
C TYR A 215 -1.01 0.69 -8.90
N THR A 216 -1.73 -0.10 -8.13
CA THR A 216 -3.10 -0.43 -8.43
C THR A 216 -3.93 0.84 -8.38
N GLN A 217 -4.66 1.12 -9.46
CA GLN A 217 -5.56 2.26 -9.51
C GLN A 217 -6.80 1.93 -8.70
N VAL A 218 -6.86 2.43 -7.46
CA VAL A 218 -7.87 1.99 -6.50
C VAL A 218 -9.32 2.32 -6.91
N SER A 219 -9.52 3.44 -7.60
CA SER A 219 -10.91 3.79 -7.97
C SER A 219 -11.60 2.69 -8.80
N ALA A 220 -10.83 1.95 -9.59
CA ALA A 220 -11.39 0.86 -10.40
C ALA A 220 -11.89 -0.31 -9.56
N PHE A 221 -11.43 -0.39 -8.32
CA PHE A 221 -11.73 -1.50 -7.42
C PHE A 221 -12.68 -1.17 -6.26
N VAL A 222 -13.10 0.10 -6.17
CA VAL A 222 -13.96 0.53 -5.07
C VAL A 222 -15.24 -0.30 -4.96
N ALA A 223 -15.93 -0.51 -6.08
CA ALA A 223 -17.15 -1.30 -6.05
C ALA A 223 -16.93 -2.71 -5.48
N TRP A 224 -15.88 -3.36 -5.97
CA TRP A 224 -15.53 -4.68 -5.47
C TRP A 224 -15.17 -4.66 -3.99
N ILE A 225 -14.36 -3.69 -3.55
CA ILE A 225 -14.00 -3.60 -2.13
C ILE A 225 -15.25 -3.58 -1.25
N TRP A 226 -16.20 -2.71 -1.59
CA TRP A 226 -17.42 -2.59 -0.78
C TRP A 226 -18.30 -3.81 -0.87
N ASP A 227 -18.32 -4.46 -2.03
CA ASP A 227 -19.05 -5.72 -2.15
C ASP A 227 -18.53 -6.76 -1.16
N VAL A 228 -17.20 -6.87 -1.05
CA VAL A 228 -16.59 -7.86 -0.17
C VAL A 228 -16.89 -7.52 1.29
N VAL A 229 -16.75 -6.24 1.64
CA VAL A 229 -17.01 -5.80 3.01
C VAL A 229 -18.46 -6.06 3.40
N ARG A 230 -19.40 -5.59 2.55
CA ARG A 230 -20.84 -5.76 2.82
C ARG A 230 -21.23 -7.23 2.98
N ARG A 231 -20.68 -8.05 2.09
CA ARG A 231 -20.81 -9.52 2.09
C ARG A 231 -20.58 -10.20 3.43
N SER A 232 -19.55 -9.75 4.14
CA SER A 232 -19.23 -10.33 5.45
C SER A 232 -19.51 -9.38 6.62
N SER A 233 -20.58 -8.59 6.50
CA SER A 233 -21.00 -7.66 7.56
C SER A 233 -22.46 -7.91 7.95
C1 NAG B . 0.47 0.47 -23.52
C2 NAG B . -1.03 0.37 -23.79
C3 NAG B . -1.26 -0.83 -24.70
C4 NAG B . -0.36 -0.76 -25.95
C5 NAG B . 1.11 -0.57 -25.57
C6 NAG B . 2.05 -0.41 -26.79
C7 NAG B . -2.45 1.28 -21.99
C8 NAG B . -3.18 1.01 -20.71
N2 NAG B . -1.79 0.26 -22.55
O3 NAG B . -2.62 -0.90 -25.04
O4 NAG B . -0.51 -1.96 -26.68
O5 NAG B . 1.20 0.58 -24.74
O6 NAG B . 3.39 -0.14 -26.39
O7 NAG B . -2.47 2.43 -22.47
C1 FUC B . 4.17 0.43 -27.47
C2 FUC B . 5.63 0.69 -27.06
C3 FUC B . 6.40 -0.64 -26.96
C4 FUC B . 6.27 -1.41 -28.27
C5 FUC B . 4.79 -1.61 -28.60
C6 FUC B . 4.62 -2.30 -29.96
O2 FUC B . 5.75 1.40 -25.84
O3 FUC B . 7.77 -0.40 -26.66
O4 FUC B . 6.93 -0.69 -29.30
O5 FUC B . 4.11 -0.37 -28.64
C1 NAG C . -6.40 -13.24 16.68
C2 NAG C . -6.63 -13.80 18.08
C3 NAG C . -5.30 -13.77 18.82
C4 NAG C . -4.26 -14.58 18.04
C5 NAG C . -4.13 -14.11 16.59
C6 NAG C . -3.19 -15.04 15.80
C7 NAG C . -8.80 -13.51 19.22
C8 NAG C . -9.72 -12.55 19.93
N2 NAG C . -7.63 -13.01 18.79
O3 NAG C . -5.45 -14.25 20.15
O4 NAG C . -3.00 -14.48 18.69
O5 NAG C . -5.44 -14.04 16.00
O6 NAG C . -3.83 -15.77 14.77
O7 NAG C . -9.15 -14.67 19.06
N1 2YT D . 10.50 -5.91 -9.07
C2 2YT D . 9.27 -6.59 -9.50
C10 2YT D . 8.21 -6.26 -8.48
O34 2YT D . 8.17 -5.09 -8.04
C3 2YT D . 9.66 -8.07 -9.63
C4 2YT D . 8.68 -9.21 -9.44
C5 2YT D . 8.76 -9.99 -8.30
C9 2YT D . 7.75 -9.51 -10.43
C6 2YT D . 7.88 -11.05 -8.11
C8 2YT D . 6.88 -10.58 -10.25
C7 2YT D . 6.95 -11.35 -9.09
N11 2YT D . 7.36 -7.21 -8.08
C12 2YT D . 6.33 -6.95 -7.07
C20 2YT D . 6.95 -6.57 -5.75
O33 2YT D . 7.95 -7.11 -5.31
C13 2YT D . 5.56 -8.24 -6.81
C14 2YT D . 4.38 -8.45 -7.75
C19 2YT D . 3.51 -7.45 -8.15
C15 2YT D . 4.12 -9.76 -8.21
C18 2YT D . 2.43 -7.70 -8.98
C16 2YT D . 3.04 -10.03 -9.04
C17 2YT D . 2.19 -8.99 -9.43
N21 2YT D . 6.33 -5.59 -5.04
C22 2YT D . 6.82 -5.11 -3.74
C23 2YT D . 7.08 -3.59 -3.79
C24 2YT D . 7.94 -3.14 -4.97
C25 2YT D . 9.31 -3.81 -4.99
N26 2YT D . 10.10 -3.14 -6.04
C27 2YT D . 11.41 -3.46 -6.28
N28 2YT D . 12.04 -4.35 -5.45
N29 2YT D . 12.08 -2.93 -7.28
C30 2YT D . 5.78 -5.42 -2.64
O31 2YT D . 6.43 -5.26 -1.40
C32 2YT D . 5.41 -6.92 -2.74
C1 GOL E . -11.39 -3.76 -12.92
O1 GOL E . -10.86 -4.27 -14.15
C2 GOL E . -12.05 -4.88 -12.10
O2 GOL E . -11.10 -5.93 -11.98
C3 GOL E . -12.50 -4.29 -10.75
O3 GOL E . -13.07 -5.21 -9.78
CL CL F . -15.68 -2.70 10.79
#